data_8AKM
#
_entry.id   8AKM
#
_cell.length_a   60.262
_cell.length_b   78.515
_cell.length_c   55.595
_cell.angle_alpha   90.000
_cell.angle_beta   90.000
_cell.angle_gamma   90.000
#
_symmetry.space_group_name_H-M   'P 21 21 2'
#
loop_
_entity.id
_entity.type
_entity.pdbx_description
1 polymer 'Carbapenem-hydrolyzing beta-lactamase KPC'
2 non-polymer 'SULFATE ION'
3 non-polymer GLYCEROL
4 non-polymer '(2S,3R,4R)-4-({(3S,5S)-5-[(3-carboxyphenyl)carbamoyl]pyrrolidin-3-yl}sulfanyl)-2-[(2S,3R)-3-hydroxy-1-oxobutan-2-yl]-3-methyl-3,4-dihydro-2H-pyrrole-5-carboxylic acid'
5 water water
#
_entity_poly.entity_id   1
_entity_poly.type   'polypeptide(L)'
_entity_poly.pdbx_seq_one_letter_code
;MGSSHHHHHHSSGLVPRGSHMLTNLVAEPFAKLEQDFGGSIGVYAMDTGSGATVSYRAEERFPLCSSFKGFLAAAVLARS
QQQAGLLDTPIRYGKNALVPWSPISEKYLTTGMTVAELSAAAVQYSDNAAANLLLKELGGPAGLTAFMRSIGDTTFRLDR
WQLELNSAIPGDARDTSSPRAVTESLQKLTLGSALAAPQRQQFVDWLKGNTTGNHRIRAAVPADWAVGDKTGTCGVYGTA
NDYAVVWPTGRAPIVLAVYTRAPNKDDKHSEAVIAAAARLALEGLGVNGQ
;
_entity_poly.pdbx_strand_id   A
#
# COMPACT_ATOMS: atom_id res chain seq x y z
N LEU A 22 8.11 24.24 -3.70
CA LEU A 22 8.89 23.04 -3.42
C LEU A 22 8.36 21.80 -4.14
N THR A 23 7.30 21.99 -4.92
CA THR A 23 6.74 20.90 -5.71
C THR A 23 7.36 20.90 -7.11
N ASN A 24 7.90 19.76 -7.52
CA ASN A 24 8.43 19.61 -8.88
C ASN A 24 9.45 20.69 -9.21
N LEU A 25 10.38 20.91 -8.28
CA LEU A 25 11.49 21.81 -8.56
C LEU A 25 12.32 21.31 -9.74
N VAL A 26 12.39 20.00 -9.92
CA VAL A 26 13.11 19.33 -10.99
C VAL A 26 12.10 18.49 -11.78
N ALA A 27 11.90 18.84 -13.05
CA ALA A 27 11.00 18.08 -13.90
C ALA A 27 11.61 16.73 -14.25
N GLU A 28 10.75 15.72 -14.36
CA GLU A 28 11.12 14.37 -14.73
C GLU A 28 10.18 13.85 -15.80
N PRO A 29 10.66 12.96 -16.68
CA PRO A 29 9.89 12.55 -17.87
C PRO A 29 8.85 11.46 -17.59
N PHE A 30 7.94 11.75 -16.66
CA PHE A 30 6.87 10.81 -16.38
C PHE A 30 5.94 10.61 -17.58
N ALA A 31 5.68 11.65 -18.35
CA ALA A 31 4.76 11.53 -19.48
C ALA A 31 5.30 10.53 -20.50
N LYS A 32 6.59 10.60 -20.82
CA LYS A 32 7.17 9.64 -21.75
C LYS A 32 7.07 8.23 -21.18
N LEU A 33 7.32 8.07 -19.88
CA LEU A 33 7.24 6.76 -19.25
C LEU A 33 5.83 6.16 -19.37
N GLU A 34 4.80 6.95 -19.06
CA GLU A 34 3.45 6.39 -19.11
C GLU A 34 3.01 6.17 -20.56
N GLN A 35 3.49 6.99 -21.49
CA GLN A 35 3.19 6.77 -22.89
C GLN A 35 3.80 5.46 -23.40
N ASP A 36 5.04 5.17 -23.02
CA ASP A 36 5.64 3.88 -23.39
C ASP A 36 4.88 2.72 -22.75
N PHE A 37 4.41 2.90 -21.51
CA PHE A 37 3.61 1.89 -20.81
C PHE A 37 2.26 1.68 -21.46
N GLY A 38 1.71 2.72 -22.08
CA GLY A 38 0.39 2.63 -22.67
C GLY A 38 -0.75 2.98 -21.74
N GLY A 39 -0.48 3.73 -20.70
CA GLY A 39 -1.52 4.07 -19.74
C GLY A 39 -1.19 5.32 -18.97
N SER A 40 -1.57 5.31 -17.70
CA SER A 40 -1.40 6.44 -16.81
C SER A 40 -0.62 6.01 -15.59
N ILE A 41 0.29 6.86 -15.17
CA ILE A 41 1.08 6.66 -13.96
C ILE A 41 0.85 7.85 -13.04
N GLY A 42 0.60 7.55 -11.77
CA GLY A 42 0.44 8.55 -10.75
C GLY A 42 1.48 8.40 -9.67
N VAL A 43 2.15 9.50 -9.33
CA VAL A 43 3.28 9.51 -8.41
C VAL A 43 3.14 10.66 -7.45
N TYR A 44 3.36 10.38 -6.16
CA TYR A 44 3.59 11.44 -5.20
C TYR A 44 4.71 10.99 -4.29
N ALA A 45 5.70 11.84 -4.11
CA ALA A 45 6.83 11.52 -3.25
C ALA A 45 7.17 12.74 -2.42
N MET A 46 7.44 12.51 -1.15
N MET A 46 7.39 12.51 -1.13
CA MET A 46 7.66 13.56 -0.16
CA MET A 46 7.65 13.58 -0.17
C MET A 46 8.98 13.34 0.55
C MET A 46 8.99 13.33 0.51
N ASP A 47 9.84 14.35 0.52
CA ASP A 47 11.04 14.38 1.36
C ASP A 47 10.58 14.93 2.70
N THR A 48 10.53 14.06 3.73
CA THR A 48 9.98 14.51 5.00
C THR A 48 10.89 15.47 5.74
N GLY A 49 12.12 15.67 5.29
CA GLY A 49 13.00 16.63 5.90
C GLY A 49 12.69 18.05 5.45
N SER A 50 12.75 18.28 4.15
CA SER A 50 12.56 19.62 3.61
C SER A 50 11.12 19.92 3.22
N GLY A 51 10.28 18.90 3.08
CA GLY A 51 8.96 19.09 2.56
C GLY A 51 8.86 19.14 1.06
N ALA A 52 9.98 18.99 0.35
CA ALA A 52 9.94 18.99 -1.11
C ALA A 52 9.19 17.77 -1.60
N THR A 53 8.51 17.93 -2.73
CA THR A 53 7.69 16.86 -3.30
C THR A 53 7.90 16.73 -4.79
N VAL A 54 7.62 15.53 -5.28
CA VAL A 54 7.47 15.21 -6.70
C VAL A 54 6.04 14.75 -6.89
N SER A 55 5.36 15.29 -7.90
CA SER A 55 3.94 15.07 -8.06
C SER A 55 3.60 14.97 -9.54
N TYR A 56 2.97 13.87 -9.92
CA TYR A 56 2.56 13.65 -11.30
C TYR A 56 1.25 12.87 -11.27
N ARG A 57 0.18 13.47 -11.80
CA ARG A 57 -1.16 12.88 -11.68
C ARG A 57 -1.50 12.52 -10.23
N ALA A 58 -0.99 13.31 -9.27
CA ALA A 58 -0.99 12.88 -7.88
C ALA A 58 -2.36 12.93 -7.22
N GLU A 59 -3.28 13.72 -7.76
CA GLU A 59 -4.62 13.82 -7.20
C GLU A 59 -5.66 13.06 -8.02
N GLU A 60 -5.24 12.32 -9.05
CA GLU A 60 -6.15 11.45 -9.75
C GLU A 60 -6.39 10.17 -8.95
N ARG A 61 -7.54 9.58 -9.15
CA ARG A 61 -7.89 8.34 -8.48
C ARG A 61 -7.36 7.16 -9.28
N PHE A 62 -6.83 6.19 -8.54
CA PHE A 62 -6.37 4.93 -9.07
C PHE A 62 -6.92 3.81 -8.19
N PRO A 63 -7.19 2.64 -8.75
CA PRO A 63 -7.63 1.53 -7.89
C PRO A 63 -6.58 1.15 -6.87
N LEU A 64 -7.04 0.85 -5.67
CA LEU A 64 -6.14 0.42 -4.62
C LEU A 64 -5.63 -0.99 -4.87
N CYS A 65 -6.49 -1.87 -5.39
CA CYS A 65 -6.15 -3.29 -5.47
C CYS A 65 -5.74 -3.74 -4.07
N SER A 66 -4.78 -4.65 -3.96
CA SER A 66 -4.41 -5.18 -2.66
C SER A 66 -3.73 -4.16 -1.75
N SER A 67 -3.39 -2.96 -2.25
CA SER A 67 -2.65 -2.01 -1.43
C SER A 67 -3.48 -1.52 -0.26
N PHE A 68 -4.81 -1.73 -0.30
CA PHE A 68 -5.62 -1.38 0.87
C PHE A 68 -5.19 -2.15 2.11
N LYS A 69 -4.57 -3.34 1.94
CA LYS A 69 -4.29 -4.20 3.08
C LYS A 69 -3.28 -3.58 4.03
N GLY A 70 -2.39 -2.72 3.54
CA GLY A 70 -1.50 -2.02 4.46
C GLY A 70 -2.27 -1.12 5.41
N PHE A 71 -3.18 -0.32 4.88
CA PHE A 71 -3.99 0.53 5.74
C PHE A 71 -4.91 -0.28 6.64
N LEU A 72 -5.38 -1.42 6.16
CA LEU A 72 -6.15 -2.33 7.01
C LEU A 72 -5.35 -2.73 8.24
N ALA A 73 -4.10 -3.15 8.05
CA ALA A 73 -3.27 -3.53 9.19
C ALA A 73 -3.06 -2.34 10.13
N ALA A 74 -2.88 -1.14 9.58
CA ALA A 74 -2.75 0.02 10.45
C ALA A 74 -4.01 0.26 11.25
N ALA A 75 -5.18 0.06 10.64
CA ALA A 75 -6.45 0.22 11.36
C ALA A 75 -6.60 -0.80 12.48
N VAL A 76 -6.14 -2.03 12.26
CA VAL A 76 -6.12 -3.03 13.33
C VAL A 76 -5.21 -2.57 14.47
N LEU A 77 -4.02 -2.08 14.12
CA LEU A 77 -3.11 -1.58 15.15
C LEU A 77 -3.73 -0.42 15.93
N ALA A 78 -4.42 0.49 15.24
CA ALA A 78 -5.09 1.58 15.93
C ALA A 78 -6.13 1.04 16.91
N ARG A 79 -6.90 0.04 16.50
CA ARG A 79 -7.87 -0.54 17.41
C ARG A 79 -7.19 -1.21 18.60
N SER A 80 -6.02 -1.82 18.38
CA SER A 80 -5.33 -2.50 19.46
C SER A 80 -4.88 -1.54 20.54
N GLN A 81 -4.83 -0.23 20.24
CA GLN A 81 -4.50 0.75 21.27
C GLN A 81 -5.63 0.86 22.29
N GLN A 82 -6.87 0.64 21.85
CA GLN A 82 -8.01 0.65 22.77
C GLN A 82 -8.40 -0.75 23.23
N GLN A 83 -7.93 -1.80 22.57
CA GLN A 83 -8.21 -3.19 22.98
C GLN A 83 -6.88 -3.89 23.20
N ALA A 84 -6.40 -3.87 24.44
CA ALA A 84 -5.27 -4.70 24.81
C ALA A 84 -5.62 -6.16 24.53
N GLY A 85 -4.65 -6.90 24.01
CA GLY A 85 -4.89 -8.29 23.71
C GLY A 85 -5.64 -8.54 22.42
N LEU A 86 -6.05 -7.50 21.69
CA LEU A 86 -6.61 -7.73 20.36
C LEU A 86 -5.63 -8.52 19.51
N LEU A 87 -4.37 -8.10 19.50
CA LEU A 87 -3.39 -8.67 18.57
C LEU A 87 -3.14 -10.14 18.84
N ASP A 88 -3.24 -10.57 20.09
CA ASP A 88 -3.01 -11.96 20.46
C ASP A 88 -4.27 -12.81 20.38
N THR A 89 -5.38 -12.27 19.91
CA THR A 89 -6.61 -13.04 19.86
C THR A 89 -6.52 -14.13 18.80
N PRO A 90 -6.76 -15.39 19.14
CA PRO A 90 -6.75 -16.45 18.10
C PRO A 90 -8.04 -16.42 17.28
N ILE A 91 -7.89 -16.49 15.96
CA ILE A 91 -8.99 -16.51 15.02
C ILE A 91 -8.98 -17.82 14.27
N ARG A 92 -10.08 -18.58 14.39
N ARG A 92 -10.06 -18.59 14.39
CA ARG A 92 -10.30 -19.77 13.60
CA ARG A 92 -10.25 -19.80 13.60
C ARG A 92 -11.19 -19.43 12.42
C ARG A 92 -11.26 -19.54 12.49
N TYR A 93 -11.04 -20.20 11.35
CA TYR A 93 -11.79 -19.96 10.13
C TYR A 93 -11.99 -21.27 9.40
N GLY A 94 -13.02 -21.32 8.58
CA GLY A 94 -13.31 -22.50 7.81
C GLY A 94 -12.69 -22.45 6.43
N LYS A 95 -12.74 -23.60 5.74
CA LYS A 95 -12.18 -23.69 4.41
C LYS A 95 -12.84 -22.70 3.46
N ASN A 96 -14.11 -22.35 3.71
CA ASN A 96 -14.80 -21.37 2.88
C ASN A 96 -14.14 -19.99 2.95
N ALA A 97 -13.35 -19.72 3.98
CA ALA A 97 -12.64 -18.46 4.06
C ALA A 97 -11.45 -18.42 3.11
N LEU A 98 -10.93 -19.56 2.68
CA LEU A 98 -9.73 -19.58 1.85
C LEU A 98 -10.12 -19.26 0.42
N VAL A 99 -9.68 -18.11 -0.05
CA VAL A 99 -9.93 -17.68 -1.42
C VAL A 99 -8.58 -17.70 -2.11
N PRO A 100 -8.54 -17.56 -3.43
CA PRO A 100 -7.25 -17.59 -4.13
C PRO A 100 -6.27 -16.59 -3.56
N TRP A 101 -5.00 -17.00 -3.53
CA TRP A 101 -3.88 -16.24 -2.98
C TRP A 101 -4.09 -15.97 -1.49
N SER A 102 -4.07 -17.08 -0.74
CA SER A 102 -4.03 -17.06 0.72
C SER A 102 -2.86 -17.92 1.17
N PRO A 103 -1.64 -17.51 0.82
CA PRO A 103 -0.49 -18.42 0.99
C PRO A 103 -0.13 -18.74 2.42
N ILE A 104 -0.42 -17.84 3.36
CA ILE A 104 -0.11 -18.10 4.76
C ILE A 104 -1.30 -18.74 5.46
N SER A 105 -2.49 -18.14 5.33
N SER A 105 -2.49 -18.14 5.33
CA SER A 105 -3.64 -18.62 6.08
CA SER A 105 -3.65 -18.63 6.06
C SER A 105 -4.03 -20.04 5.67
C SER A 105 -4.00 -20.05 5.67
N GLU A 106 -3.72 -20.45 4.44
CA GLU A 106 -4.01 -21.83 4.05
C GLU A 106 -3.19 -22.85 4.86
N LYS A 107 -2.03 -22.45 5.37
N LYS A 107 -2.02 -22.44 5.37
CA LYS A 107 -1.18 -23.34 6.15
CA LYS A 107 -1.17 -23.32 6.15
C LYS A 107 -1.60 -23.43 7.61
C LYS A 107 -1.63 -23.44 7.60
N TYR A 108 -2.56 -22.60 8.04
CA TYR A 108 -3.05 -22.58 9.42
C TYR A 108 -4.56 -22.81 9.48
N LEU A 109 -5.14 -23.35 8.41
CA LEU A 109 -6.56 -23.61 8.39
C LEU A 109 -6.99 -24.47 9.56
N THR A 110 -6.21 -25.51 9.85
CA THR A 110 -6.57 -26.47 10.88
C THR A 110 -6.20 -26.01 12.28
N THR A 111 -5.55 -24.86 12.42
CA THR A 111 -5.12 -24.38 13.72
C THR A 111 -5.67 -23.01 14.11
N GLY A 112 -5.96 -22.14 13.14
CA GLY A 112 -6.19 -20.73 13.42
C GLY A 112 -4.91 -19.94 13.45
N MET A 113 -5.06 -18.61 13.48
N MET A 113 -5.05 -18.61 13.46
CA MET A 113 -3.95 -17.66 13.51
CA MET A 113 -3.93 -17.70 13.60
C MET A 113 -4.37 -16.50 14.40
C MET A 113 -4.37 -16.55 14.50
N THR A 114 -3.40 -15.82 15.01
CA THR A 114 -3.77 -14.64 15.79
C THR A 114 -4.08 -13.45 14.86
N VAL A 115 -4.74 -12.43 15.42
CA VAL A 115 -5.00 -11.19 14.68
C VAL A 115 -3.69 -10.59 14.18
N ALA A 116 -2.66 -10.60 15.02
CA ALA A 116 -1.37 -10.06 14.58
C ALA A 116 -0.81 -10.87 13.41
N GLU A 117 -0.92 -12.20 13.48
CA GLU A 117 -0.43 -13.04 12.39
C GLU A 117 -1.20 -12.80 11.09
N LEU A 118 -2.52 -12.66 11.20
CA LEU A 118 -3.33 -12.32 10.04
C LEU A 118 -2.91 -10.98 9.46
N SER A 119 -2.63 -10.00 10.32
CA SER A 119 -2.22 -8.69 9.84
C SER A 119 -0.89 -8.75 9.13
N ALA A 120 0.08 -9.44 9.72
CA ALA A 120 1.38 -9.65 9.08
C ALA A 120 1.22 -10.34 7.74
N ALA A 121 0.37 -11.35 7.67
CA ALA A 121 0.18 -12.07 6.40
C ALA A 121 -0.46 -11.18 5.35
N ALA A 122 -1.46 -10.38 5.75
CA ALA A 122 -2.10 -9.45 4.83
C ALA A 122 -1.07 -8.45 4.27
N VAL A 123 -0.17 -7.95 5.11
CA VAL A 123 0.81 -6.97 4.64
C VAL A 123 1.91 -7.64 3.83
N GLN A 124 2.52 -8.70 4.35
CA GLN A 124 3.78 -9.22 3.85
C GLN A 124 3.63 -10.24 2.74
N TYR A 125 2.47 -10.87 2.64
CA TYR A 125 2.17 -11.83 1.59
C TYR A 125 0.91 -11.46 0.84
N SER A 126 0.28 -10.34 1.18
CA SER A 126 -0.97 -9.93 0.55
C SER A 126 -2.03 -11.03 0.66
N ASP A 127 -2.06 -11.71 1.80
CA ASP A 127 -2.93 -12.86 2.00
C ASP A 127 -4.40 -12.43 1.99
N ASN A 128 -5.16 -13.01 1.04
CA ASN A 128 -6.54 -12.57 0.82
C ASN A 128 -7.48 -13.03 1.91
N ALA A 129 -7.39 -14.30 2.33
CA ALA A 129 -8.25 -14.75 3.40
C ALA A 129 -7.99 -13.95 4.67
N ALA A 130 -6.72 -13.68 4.98
CA ALA A 130 -6.40 -12.90 6.16
C ALA A 130 -7.02 -11.51 6.08
N ALA A 131 -6.88 -10.85 4.92
CA ALA A 131 -7.42 -9.51 4.79
C ALA A 131 -8.93 -9.50 4.96
N ASN A 132 -9.61 -10.52 4.41
CA ASN A 132 -11.07 -10.55 4.53
C ASN A 132 -11.50 -10.74 5.98
N LEU A 133 -10.80 -11.63 6.71
CA LEU A 133 -11.12 -11.81 8.12
C LEU A 133 -10.94 -10.51 8.90
N LEU A 134 -9.85 -9.79 8.63
CA LEU A 134 -9.60 -8.55 9.33
C LEU A 134 -10.60 -7.46 8.93
N LEU A 135 -10.93 -7.38 7.64
CA LEU A 135 -11.92 -6.39 7.21
C LEU A 135 -13.24 -6.61 7.93
N LYS A 136 -13.64 -7.87 8.08
CA LYS A 136 -14.87 -8.17 8.81
C LYS A 136 -14.79 -7.64 10.24
N GLU A 137 -13.64 -7.85 10.90
N GLU A 137 -13.65 -7.83 10.90
CA GLU A 137 -13.46 -7.39 12.28
CA GLU A 137 -13.51 -7.38 12.28
C GLU A 137 -13.63 -5.89 12.40
C GLU A 137 -13.61 -5.88 12.43
N LEU A 138 -13.18 -5.13 11.41
CA LEU A 138 -13.23 -3.67 11.46
C LEU A 138 -14.59 -3.11 11.06
N GLY A 139 -15.53 -3.95 10.69
CA GLY A 139 -16.79 -3.47 10.19
C GLY A 139 -16.85 -3.22 8.70
N GLY A 140 -16.02 -3.91 7.93
CA GLY A 140 -16.16 -3.91 6.50
C GLY A 140 -15.52 -2.71 5.85
N PRO A 141 -15.78 -2.55 4.55
CA PRO A 141 -15.19 -1.42 3.81
C PRO A 141 -15.47 -0.07 4.44
N ALA A 142 -16.68 0.15 4.95
CA ALA A 142 -16.98 1.43 5.57
C ALA A 142 -16.18 1.64 6.85
N GLY A 143 -15.90 0.56 7.59
CA GLY A 143 -15.07 0.68 8.78
C GLY A 143 -13.64 1.08 8.47
N LEU A 144 -13.06 0.49 7.42
CA LEU A 144 -11.71 0.91 7.05
C LEU A 144 -11.71 2.36 6.54
N THR A 145 -12.70 2.71 5.73
CA THR A 145 -12.83 4.09 5.29
C THR A 145 -12.95 5.05 6.47
N ALA A 146 -13.74 4.68 7.47
CA ALA A 146 -13.87 5.50 8.67
C ALA A 146 -12.52 5.68 9.36
N PHE A 147 -11.70 4.63 9.42
CA PHE A 147 -10.39 4.79 10.03
C PHE A 147 -9.57 5.83 9.25
N MET A 148 -9.58 5.74 7.93
CA MET A 148 -8.82 6.67 7.13
C MET A 148 -9.34 8.10 7.31
N ARG A 149 -10.66 8.28 7.41
CA ARG A 149 -11.20 9.61 7.71
C ARG A 149 -10.67 10.11 9.04
N SER A 150 -10.51 9.22 10.02
CA SER A 150 -10.10 9.61 11.35
C SER A 150 -8.68 10.13 11.41
N ILE A 151 -7.84 9.77 10.43
CA ILE A 151 -6.49 10.33 10.35
C ILE A 151 -6.40 11.52 9.40
N GLY A 152 -7.53 11.97 8.86
CA GLY A 152 -7.55 13.13 8.00
C GLY A 152 -7.50 12.88 6.52
N ASP A 153 -7.68 11.63 6.08
CA ASP A 153 -7.66 11.27 4.67
C ASP A 153 -9.10 11.30 4.19
N THR A 154 -9.41 12.30 3.34
CA THR A 154 -10.74 12.48 2.78
C THR A 154 -10.87 11.93 1.38
N THR A 155 -9.84 11.28 0.86
CA THR A 155 -9.81 10.76 -0.49
C THR A 155 -10.08 9.26 -0.55
N PHE A 156 -9.43 8.51 0.35
CA PHE A 156 -9.52 7.06 0.35
C PHE A 156 -10.96 6.62 0.44
N ARG A 157 -11.31 5.60 -0.35
CA ARG A 157 -12.58 4.93 -0.14
C ARG A 157 -12.42 3.46 -0.47
N LEU A 158 -12.84 2.61 0.46
CA LEU A 158 -13.07 1.20 0.20
C LEU A 158 -14.57 0.99 0.23
N ASP A 159 -15.06 0.26 -0.74
CA ASP A 159 -16.49 0.11 -1.01
C ASP A 159 -16.95 -1.32 -1.06
N ARG A 160 -16.12 -2.22 -1.55
CA ARG A 160 -16.51 -3.59 -1.74
C ARG A 160 -15.62 -4.54 -0.96
N TRP A 161 -16.08 -5.77 -0.84
CA TRP A 161 -15.26 -6.84 -0.30
C TRP A 161 -14.38 -7.41 -1.40
N GLN A 162 -13.53 -8.35 -1.02
CA GLN A 162 -12.40 -8.72 -1.85
C GLN A 162 -12.82 -9.48 -3.11
N LEU A 163 -11.87 -9.55 -4.05
CA LEU A 163 -12.10 -9.96 -5.43
C LEU A 163 -12.92 -8.90 -6.15
N GLU A 164 -14.16 -8.64 -5.70
CA GLU A 164 -14.97 -7.62 -6.37
C GLU A 164 -14.25 -6.27 -6.37
N LEU A 165 -13.58 -5.93 -5.27
CA LEU A 165 -13.00 -4.58 -5.17
C LEU A 165 -11.86 -4.33 -6.15
N ASN A 166 -11.35 -5.37 -6.83
CA ASN A 166 -10.22 -5.23 -7.74
C ASN A 166 -10.63 -5.08 -9.21
N SER A 167 -11.91 -4.75 -9.46
CA SER A 167 -12.38 -4.68 -10.84
C SER A 167 -11.74 -3.56 -11.65
N ALA A 168 -11.26 -2.50 -10.99
CA ALA A 168 -10.43 -1.48 -11.64
C ALA A 168 -11.09 -0.85 -12.87
N ILE A 169 -12.40 -0.63 -12.78
CA ILE A 169 -13.17 -0.17 -13.94
C ILE A 169 -12.82 1.28 -14.24
N PRO A 170 -12.53 1.63 -15.47
CA PRO A 170 -12.20 3.03 -15.80
C PRO A 170 -13.29 3.99 -15.38
N GLY A 171 -12.89 5.03 -14.63
CA GLY A 171 -13.79 6.07 -14.16
C GLY A 171 -14.57 5.73 -12.90
N ASP A 172 -14.47 4.50 -12.39
CA ASP A 172 -15.18 4.07 -11.19
C ASP A 172 -14.35 4.49 -9.98
N ALA A 173 -14.91 5.31 -9.12
CA ALA A 173 -14.21 5.77 -7.93
C ALA A 173 -14.25 4.76 -6.79
N ARG A 174 -15.06 3.70 -6.87
CA ARG A 174 -15.07 2.73 -5.78
C ARG A 174 -13.69 2.12 -5.60
N ASP A 175 -13.28 1.94 -4.34
CA ASP A 175 -12.06 1.22 -4.01
C ASP A 175 -10.84 1.89 -4.62
N THR A 176 -10.78 3.20 -4.49
CA THR A 176 -9.69 3.99 -5.05
C THR A 176 -9.15 4.96 -4.01
N SER A 177 -7.94 5.44 -4.28
CA SER A 177 -7.46 6.63 -3.62
C SER A 177 -6.58 7.36 -4.61
N SER A 178 -5.88 8.39 -4.15
CA SER A 178 -4.92 9.09 -5.00
C SER A 178 -3.50 8.83 -4.50
N PRO A 179 -2.50 8.92 -5.38
CA PRO A 179 -1.12 8.78 -4.91
C PRO A 179 -0.80 9.74 -3.78
N ARG A 180 -1.29 10.97 -3.87
CA ARG A 180 -1.01 11.95 -2.83
C ARG A 180 -1.60 11.52 -1.48
N ALA A 181 -2.89 11.16 -1.47
CA ALA A 181 -3.51 10.79 -0.20
C ALA A 181 -2.91 9.52 0.38
N VAL A 182 -2.54 8.57 -0.49
CA VAL A 182 -1.83 7.38 -0.01
C VAL A 182 -0.52 7.75 0.67
N THR A 183 0.27 8.61 0.04
CA THR A 183 1.54 9.03 0.63
C THR A 183 1.32 9.81 1.92
N GLU A 184 0.36 10.73 1.92
CA GLU A 184 0.11 11.53 3.13
C GLU A 184 -0.31 10.64 4.28
N SER A 185 -1.22 9.69 4.03
CA SER A 185 -1.66 8.79 5.09
C SER A 185 -0.55 7.86 5.53
N LEU A 186 0.26 7.36 4.58
CA LEU A 186 1.37 6.50 4.94
C LEU A 186 2.35 7.25 5.83
N GLN A 187 2.62 8.51 5.52
N GLN A 187 2.62 8.52 5.53
CA GLN A 187 3.50 9.32 6.37
CA GLN A 187 3.49 9.31 6.38
C GLN A 187 2.94 9.43 7.78
C GLN A 187 2.94 9.44 7.79
N LYS A 188 1.65 9.75 7.91
CA LYS A 188 1.06 9.92 9.22
C LYS A 188 1.17 8.66 10.06
N LEU A 189 1.01 7.50 9.42
CA LEU A 189 0.97 6.22 10.13
C LEU A 189 2.35 5.68 10.47
N THR A 190 3.33 5.92 9.62
CA THR A 190 4.66 5.35 9.82
C THR A 190 5.63 6.32 10.49
N LEU A 191 5.42 7.63 10.34
CA LEU A 191 6.39 8.61 10.82
C LEU A 191 5.75 9.65 11.73
N GLY A 192 4.48 9.91 11.52
CA GLY A 192 3.75 10.90 12.30
C GLY A 192 3.12 10.31 13.54
N SER A 193 2.03 10.92 13.98
CA SER A 193 1.45 10.62 15.28
C SER A 193 0.12 9.87 15.19
N ALA A 194 -0.25 9.35 14.01
CA ALA A 194 -1.55 8.71 13.87
C ALA A 194 -1.63 7.42 14.68
N LEU A 195 -0.52 6.74 14.88
CA LEU A 195 -0.43 5.58 15.75
C LEU A 195 0.48 5.90 16.93
N ALA A 196 0.22 5.24 18.05
CA ALA A 196 1.14 5.33 19.17
C ALA A 196 2.46 4.67 18.79
N ALA A 197 3.53 5.06 19.49
CA ALA A 197 4.86 4.67 19.04
C ALA A 197 5.06 3.15 18.91
N PRO A 198 4.59 2.31 19.84
CA PRO A 198 4.77 0.86 19.65
C PRO A 198 4.05 0.34 18.42
N GLN A 199 2.81 0.78 18.23
CA GLN A 199 2.04 0.36 17.06
C GLN A 199 2.65 0.90 15.77
N ARG A 200 3.19 2.11 15.80
CA ARG A 200 3.85 2.68 14.63
C ARG A 200 5.04 1.83 14.22
N GLN A 201 5.89 1.45 15.19
CA GLN A 201 7.04 0.62 14.85
C GLN A 201 6.61 -0.75 14.37
N GLN A 202 5.53 -1.29 14.92
CA GLN A 202 5.01 -2.56 14.41
C GLN A 202 4.55 -2.44 12.96
N PHE A 203 3.85 -1.36 12.62
CA PHE A 203 3.42 -1.17 11.24
C PHE A 203 4.63 -1.05 10.33
N VAL A 204 5.63 -0.27 10.74
CA VAL A 204 6.87 -0.16 9.97
C VAL A 204 7.51 -1.53 9.79
N ASP A 205 7.57 -2.33 10.87
CA ASP A 205 8.23 -3.62 10.76
C ASP A 205 7.50 -4.55 9.80
N TRP A 206 6.17 -4.52 9.80
CA TRP A 206 5.43 -5.35 8.85
C TRP A 206 5.73 -4.91 7.42
N LEU A 207 5.71 -3.60 7.17
CA LEU A 207 6.03 -3.10 5.83
C LEU A 207 7.44 -3.48 5.42
N LYS A 208 8.41 -3.37 6.34
CA LYS A 208 9.79 -3.73 6.03
C LYS A 208 9.92 -5.21 5.66
N GLY A 209 9.09 -6.05 6.26
CA GLY A 209 9.10 -7.47 5.96
C GLY A 209 8.30 -7.89 4.76
N ASN A 210 7.75 -6.95 3.97
CA ASN A 210 6.97 -7.36 2.81
C ASN A 210 7.83 -8.18 1.86
N THR A 211 7.22 -9.23 1.28
CA THR A 211 7.91 -10.12 0.37
C THR A 211 7.52 -9.93 -1.09
N THR A 212 6.49 -9.12 -1.38
CA THR A 212 5.92 -9.09 -2.72
C THR A 212 6.38 -7.91 -3.57
N GLY A 213 7.26 -7.05 -3.04
CA GLY A 213 7.61 -5.82 -3.72
C GLY A 213 9.01 -5.69 -4.26
N ASN A 214 9.72 -6.80 -4.41
CA ASN A 214 11.14 -6.72 -4.76
C ASN A 214 11.40 -6.10 -6.12
N HIS A 215 10.41 -6.10 -7.01
CA HIS A 215 10.62 -5.58 -8.35
C HIS A 215 9.98 -4.21 -8.57
N ARG A 216 9.51 -3.57 -7.51
CA ARG A 216 8.78 -2.30 -7.60
C ARG A 216 9.64 -1.21 -6.97
N ILE A 217 9.14 -0.48 -5.98
CA ILE A 217 9.91 0.63 -5.42
C ILE A 217 11.25 0.13 -4.91
N ARG A 218 11.29 -1.03 -4.26
CA ARG A 218 12.54 -1.57 -3.72
C ARG A 218 13.62 -1.69 -4.79
N ALA A 219 13.25 -1.98 -6.03
CA ALA A 219 14.24 -2.11 -7.09
C ALA A 219 14.91 -0.79 -7.41
N ALA A 220 14.33 0.34 -7.00
CA ALA A 220 14.93 1.66 -7.18
C ALA A 220 15.71 2.13 -5.97
N VAL A 221 15.72 1.36 -4.88
CA VAL A 221 16.27 1.78 -3.60
C VAL A 221 17.57 1.05 -3.36
N PRO A 222 18.68 1.72 -3.08
CA PRO A 222 19.93 1.03 -2.79
C PRO A 222 19.80 0.03 -1.65
N ALA A 223 20.58 -1.04 -1.72
CA ALA A 223 20.44 -2.15 -0.78
C ALA A 223 20.75 -1.74 0.66
N ASP A 224 21.57 -0.72 0.87
CA ASP A 224 21.93 -0.32 2.23
C ASP A 224 20.97 0.70 2.84
N TRP A 225 19.83 0.96 2.20
CA TRP A 225 18.77 1.79 2.76
C TRP A 225 17.61 0.93 3.24
N ALA A 226 17.05 1.27 4.38
CA ALA A 226 15.86 0.57 4.84
C ALA A 226 14.62 0.99 4.03
N VAL A 227 13.71 0.05 3.85
CA VAL A 227 12.49 0.29 3.08
C VAL A 227 11.38 -0.65 3.52
N GLY A 228 10.17 -0.12 3.60
CA GLY A 228 8.99 -0.94 3.76
C GLY A 228 7.96 -0.55 2.71
N ASP A 229 7.17 -1.52 2.27
CA ASP A 229 6.23 -1.23 1.18
C ASP A 229 5.02 -2.14 1.25
N LYS A 230 3.98 -1.76 0.51
CA LYS A 230 2.84 -2.64 0.23
C LYS A 230 2.45 -2.49 -1.23
N THR A 231 2.30 -3.61 -1.93
CA THR A 231 1.95 -3.68 -3.34
C THR A 231 0.46 -3.92 -3.55
N GLY A 232 0.05 -3.70 -4.80
CA GLY A 232 -1.24 -4.11 -5.30
C GLY A 232 -1.18 -4.43 -6.79
N THR A 233 -1.93 -5.43 -7.22
CA THR A 233 -2.04 -5.79 -8.64
C THR A 233 -3.48 -6.26 -8.87
N CYS A 234 -4.30 -5.37 -9.42
N CYS A 234 -4.26 -5.50 -9.63
CA CYS A 234 -5.54 -5.80 -10.03
CA CYS A 234 -5.66 -5.87 -9.81
C CYS A 234 -5.19 -6.53 -11.32
C CYS A 234 -5.86 -6.96 -10.85
N GLY A 235 -5.92 -7.58 -11.63
N GLY A 235 -4.95 -7.11 -11.82
CA GLY A 235 -5.56 -8.40 -12.77
CA GLY A 235 -5.06 -8.16 -12.82
C GLY A 235 -6.02 -7.85 -14.09
C GLY A 235 -5.82 -7.77 -14.08
N VAL A 236 -6.36 -6.55 -14.14
CA VAL A 236 -6.97 -5.99 -15.33
C VAL A 236 -6.59 -4.52 -15.46
N TYR A 237 -6.83 -3.98 -16.66
CA TYR A 237 -6.69 -2.54 -16.92
C TYR A 237 -5.31 -2.00 -16.52
N GLY A 238 -4.27 -2.80 -16.78
CA GLY A 238 -2.91 -2.41 -16.49
C GLY A 238 -2.71 -1.80 -15.12
N THR A 239 -3.44 -2.29 -14.13
CA THR A 239 -3.56 -1.61 -12.83
C THR A 239 -2.75 -2.32 -11.77
N ALA A 240 -1.72 -1.63 -11.28
CA ALA A 240 -0.86 -2.14 -10.23
C ALA A 240 -0.21 -0.95 -9.53
N ASN A 241 0.39 -1.20 -8.38
CA ASN A 241 0.82 -0.10 -7.55
C ASN A 241 1.78 -0.58 -6.46
N ASP A 242 2.38 0.39 -5.78
CA ASP A 242 3.25 0.17 -4.64
C ASP A 242 3.33 1.48 -3.91
N TYR A 243 3.38 1.42 -2.59
CA TYR A 243 3.73 2.58 -1.77
C TYR A 243 4.77 2.16 -0.76
N ALA A 244 5.60 3.11 -0.34
CA ALA A 244 6.74 2.77 0.50
C ALA A 244 7.20 3.95 1.34
N VAL A 245 7.81 3.60 2.47
N VAL A 245 7.89 3.59 2.43
CA VAL A 245 8.67 4.51 3.21
CA VAL A 245 8.66 4.52 3.22
C VAL A 245 10.10 4.03 2.98
C VAL A 245 10.11 4.08 3.16
N VAL A 246 10.98 4.98 2.75
CA VAL A 246 12.39 4.70 2.45
C VAL A 246 13.22 5.54 3.40
N TRP A 247 14.24 4.92 4.02
CA TRP A 247 15.14 5.61 4.94
C TRP A 247 16.53 5.68 4.30
N PRO A 248 16.82 6.68 3.48
CA PRO A 248 18.21 6.86 3.00
C PRO A 248 19.09 7.17 4.21
N THR A 249 20.31 6.68 4.19
CA THR A 249 21.17 6.94 5.33
C THR A 249 21.55 8.41 5.36
N GLY A 250 21.62 8.98 6.56
CA GLY A 250 22.14 10.33 6.72
C GLY A 250 21.17 11.44 6.37
N ARG A 251 19.91 11.14 6.06
CA ARG A 251 18.92 12.18 5.78
C ARG A 251 17.56 11.67 6.19
N ALA A 252 16.58 12.57 6.10
CA ALA A 252 15.24 12.23 6.54
C ALA A 252 14.60 11.22 5.60
N PRO A 253 13.61 10.47 6.09
CA PRO A 253 12.96 9.50 5.22
C PRO A 253 12.13 10.14 4.12
N ILE A 254 11.91 9.33 3.09
CA ILE A 254 11.09 9.65 1.92
C ILE A 254 9.87 8.73 1.95
N VAL A 255 8.70 9.30 1.68
N VAL A 255 8.71 9.28 1.63
CA VAL A 255 7.47 8.53 1.54
CA VAL A 255 7.48 8.50 1.54
C VAL A 255 6.99 8.71 0.11
C VAL A 255 6.89 8.72 0.16
N LEU A 256 6.60 7.61 -0.54
CA LEU A 256 6.15 7.73 -1.93
C LEU A 256 5.13 6.67 -2.30
N ALA A 257 4.36 6.99 -3.34
CA ALA A 257 3.36 6.10 -3.88
C ALA A 257 3.44 6.16 -5.39
N VAL A 258 3.32 4.99 -6.04
CA VAL A 258 3.31 4.88 -7.49
C VAL A 258 2.14 3.97 -7.87
N TYR A 259 1.16 4.51 -8.60
CA TYR A 259 -0.03 3.78 -9.03
C TYR A 259 -0.12 3.83 -10.56
N THR A 260 -0.57 2.75 -11.17
CA THR A 260 -0.79 2.71 -12.61
C THR A 260 -2.18 2.22 -12.95
N ARG A 261 -2.62 2.59 -14.15
CA ARG A 261 -3.79 2.01 -14.79
C ARG A 261 -3.63 2.24 -16.29
N ALA A 262 -4.52 1.63 -17.06
CA ALA A 262 -4.47 1.67 -18.52
C ALA A 262 -5.87 1.49 -19.05
N PRO A 263 -6.13 1.89 -20.29
CA PRO A 263 -7.51 2.00 -20.73
C PRO A 263 -8.23 0.71 -21.05
N ASN A 264 -7.52 -0.35 -21.43
CA ASN A 264 -8.15 -1.57 -21.90
C ASN A 264 -8.09 -2.66 -20.86
N LYS A 265 -9.15 -3.47 -20.79
CA LYS A 265 -9.23 -4.47 -19.74
C LYS A 265 -8.05 -5.42 -19.82
N ASP A 266 -7.62 -5.80 -21.02
N ASP A 266 -7.62 -5.78 -21.02
CA ASP A 266 -6.54 -6.76 -21.17
CA ASP A 266 -6.55 -6.74 -21.24
C ASP A 266 -5.16 -6.11 -21.30
C ASP A 266 -5.16 -6.14 -21.14
N ASP A 267 -5.04 -4.82 -20.99
CA ASP A 267 -3.71 -4.21 -20.85
C ASP A 267 -2.97 -4.79 -19.66
N LYS A 268 -1.69 -5.09 -19.84
CA LYS A 268 -0.92 -5.71 -18.77
C LYS A 268 -0.27 -4.68 -17.88
N HIS A 269 -0.14 -5.03 -16.59
CA HIS A 269 0.61 -4.18 -15.70
C HIS A 269 2.10 -4.40 -15.95
N SER A 270 2.91 -3.53 -15.37
CA SER A 270 4.36 -3.62 -15.49
C SER A 270 5.02 -3.28 -14.16
N GLU A 271 5.79 -4.22 -13.62
CA GLU A 271 6.60 -3.91 -12.46
C GLU A 271 7.73 -2.95 -12.82
N ALA A 272 8.32 -3.12 -14.00
CA ALA A 272 9.43 -2.27 -14.42
C ALA A 272 9.03 -0.80 -14.47
N VAL A 273 7.82 -0.52 -14.92
CA VAL A 273 7.38 0.88 -14.99
C VAL A 273 7.27 1.47 -13.60
N ILE A 274 6.83 0.67 -12.62
CA ILE A 274 6.72 1.15 -11.24
C ILE A 274 8.10 1.46 -10.68
N ALA A 275 9.06 0.55 -10.87
CA ALA A 275 10.43 0.81 -10.43
C ALA A 275 11.01 2.04 -11.14
N ALA A 276 10.74 2.20 -12.43
CA ALA A 276 11.26 3.34 -13.17
C ALA A 276 10.67 4.65 -12.65
N ALA A 277 9.37 4.64 -12.35
CA ALA A 277 8.73 5.83 -11.82
C ALA A 277 9.27 6.17 -10.44
N ALA A 278 9.55 5.16 -9.62
CA ALA A 278 10.18 5.39 -8.32
C ALA A 278 11.56 6.02 -8.48
N ARG A 279 12.35 5.53 -9.45
N ARG A 279 12.35 5.53 -9.45
CA ARG A 279 13.67 6.12 -9.70
CA ARG A 279 13.67 6.12 -9.70
C ARG A 279 13.55 7.58 -10.11
C ARG A 279 13.55 7.58 -10.11
N LEU A 280 12.59 7.90 -10.99
CA LEU A 280 12.39 9.29 -11.39
C LEU A 280 11.99 10.15 -10.19
N ALA A 281 11.16 9.61 -9.28
CA ALA A 281 10.76 10.37 -8.11
C ALA A 281 11.94 10.68 -7.21
N LEU A 282 12.80 9.68 -6.94
CA LEU A 282 13.98 9.91 -6.14
C LEU A 282 14.92 10.92 -6.81
N GLU A 283 15.08 10.81 -8.12
CA GLU A 283 15.90 11.80 -8.85
C GLU A 283 15.30 13.19 -8.73
N GLY A 284 13.98 13.29 -8.84
CA GLY A 284 13.33 14.58 -8.73
C GLY A 284 13.48 15.22 -7.37
N LEU A 285 13.65 14.42 -6.32
CA LEU A 285 13.88 14.92 -4.97
C LEU A 285 15.35 15.17 -4.70
N GLY A 286 16.23 14.87 -5.64
CA GLY A 286 17.66 15.10 -5.44
C GLY A 286 18.29 14.11 -4.52
N VAL A 287 17.69 12.94 -4.37
CA VAL A 287 18.21 11.91 -3.49
C VAL A 287 19.20 11.10 -4.31
N ASN A 288 20.47 11.18 -3.96
N ASN A 288 20.47 11.17 -3.98
CA ASN A 288 21.50 10.40 -4.64
CA ASN A 288 21.49 10.42 -4.69
C ASN A 288 21.34 8.93 -4.27
C ASN A 288 21.40 8.95 -4.30
N GLY A 289 21.09 8.10 -5.28
CA GLY A 289 20.85 6.69 -5.03
C GLY A 289 21.34 5.81 -6.16
#